data_2OJU
#
_entry.id   2OJU
#
_cell.length_a   64.387
_cell.length_b   64.387
_cell.length_c   200.943
_cell.angle_alpha   90.00
_cell.angle_beta   90.00
_cell.angle_gamma   120.00
#
_symmetry.space_group_name_H-M   'P 31 2 1'
#
loop_
_entity.id
_entity.type
_entity.pdbx_description
1 polymer 'PEPTIDYL-PROLYL CIS-TRANS ISOMERASE-LIKE 3'
2 polymer 'CYCLOSPORIN A'
3 water water
#
loop_
_entity_poly.entity_id
_entity_poly.type
_entity_poly.pdbx_seq_one_letter_code
_entity_poly.pdbx_strand_id
1 'polypeptide(L)'
;SRVDGGMSVTLHTDVGDIKIEVFCERTPKTCENFLALCASNYYNGCIFHRNIKGFMVQTGDPTGTGRGGNSIWGKKFEDE
YSEYLKHNVRGVVSMANNGPNTNGSQFFITYGKQPHLDMKYTVFGKVIDGLETLDELEKLPVNEKTYRPLNDVHIKDITI
HANPFAQ
;
A,B
2 'polypeptide(L)' (DAL)(MLE)(MLE)(MVA)(BMT)(ABA)(SAR)(MLE)V(MLE)A C,D
#
# COMPACT_ATOMS: atom_id res chain seq x y z
N VAL A 3 -33.18 -27.44 8.95
CA VAL A 3 -32.57 -27.30 7.59
C VAL A 3 -33.32 -26.31 6.70
N ASP A 4 -32.74 -25.14 6.48
CA ASP A 4 -33.36 -24.13 5.63
C ASP A 4 -32.33 -23.40 4.76
N GLY A 5 -32.80 -22.45 3.95
CA GLY A 5 -31.92 -21.73 3.05
C GLY A 5 -31.16 -20.53 3.56
N GLY A 6 -31.40 -20.13 4.81
CA GLY A 6 -30.70 -18.99 5.35
C GLY A 6 -31.39 -17.66 5.13
N MET A 7 -30.75 -16.60 5.61
CA MET A 7 -31.28 -15.24 5.47
C MET A 7 -30.17 -14.37 4.92
N SER A 8 -30.44 -13.71 3.80
CA SER A 8 -29.46 -12.83 3.19
C SER A 8 -30.15 -11.51 2.88
N VAL A 9 -29.36 -10.46 2.68
CA VAL A 9 -29.91 -9.16 2.38
C VAL A 9 -29.07 -8.54 1.29
N THR A 10 -29.72 -7.95 0.29
CA THR A 10 -28.96 -7.27 -0.74
C THR A 10 -29.16 -5.77 -0.56
N LEU A 11 -28.06 -5.05 -0.45
CA LEU A 11 -28.12 -3.62 -0.30
C LEU A 11 -27.94 -3.07 -1.70
N HIS A 12 -28.94 -2.34 -2.19
CA HIS A 12 -28.86 -1.74 -3.51
C HIS A 12 -28.33 -0.31 -3.30
N THR A 13 -27.04 -0.11 -3.62
CA THR A 13 -26.42 1.20 -3.42
C THR A 13 -26.14 1.93 -4.74
N ASP A 14 -25.98 3.24 -4.62
CA ASP A 14 -25.70 4.12 -5.75
C ASP A 14 -24.54 3.61 -6.63
N VAL A 15 -23.75 2.68 -6.11
CA VAL A 15 -22.61 2.19 -6.87
C VAL A 15 -22.63 0.69 -7.08
N GLY A 16 -23.78 0.06 -6.85
CA GLY A 16 -23.87 -1.36 -7.04
C GLY A 16 -24.54 -2.12 -5.90
N ASP A 17 -24.62 -3.44 -6.07
CA ASP A 17 -25.24 -4.29 -5.06
C ASP A 17 -24.22 -4.99 -4.17
N ILE A 18 -24.59 -5.18 -2.92
CA ILE A 18 -23.76 -5.86 -1.93
C ILE A 18 -24.69 -6.86 -1.31
N LYS A 19 -24.37 -8.15 -1.46
CA LYS A 19 -25.20 -9.17 -0.88
C LYS A 19 -24.57 -9.59 0.44
N ILE A 20 -25.40 -9.81 1.44
CA ILE A 20 -24.93 -10.17 2.77
C ILE A 20 -25.59 -11.39 3.37
N GLU A 21 -24.78 -12.31 3.87
CA GLU A 21 -25.28 -13.51 4.53
C GLU A 21 -25.40 -13.07 5.99
N VAL A 22 -26.55 -13.32 6.61
CA VAL A 22 -26.76 -12.93 7.99
C VAL A 22 -26.74 -14.14 8.91
N PHE A 23 -25.82 -14.13 9.87
CA PHE A 23 -25.66 -15.25 10.79
C PHE A 23 -26.74 -15.36 11.87
N CYS A 24 -27.98 -15.46 11.43
CA CYS A 24 -29.10 -15.54 12.35
C CYS A 24 -29.03 -16.65 13.40
N GLU A 25 -28.28 -17.71 13.13
CA GLU A 25 -28.17 -18.78 14.09
C GLU A 25 -27.26 -18.37 15.26
N ARG A 26 -26.09 -17.82 14.92
CA ARG A 26 -25.11 -17.37 15.91
C ARG A 26 -25.49 -16.06 16.63
N THR A 27 -26.11 -15.13 15.91
CA THR A 27 -26.49 -13.85 16.48
C THR A 27 -27.97 -13.55 16.22
N PRO A 28 -28.87 -14.28 16.89
CA PRO A 28 -30.33 -14.16 16.76
C PRO A 28 -30.93 -12.75 16.91
N LYS A 29 -30.55 -12.02 17.96
CA LYS A 29 -31.09 -10.68 18.15
C LYS A 29 -30.59 -9.68 17.13
N THR A 30 -29.29 -9.66 16.87
CA THR A 30 -28.70 -8.72 15.90
C THR A 30 -29.33 -8.95 14.52
N CYS A 31 -29.55 -10.22 14.19
CA CYS A 31 -30.16 -10.61 12.94
C CYS A 31 -31.61 -10.13 12.89
N GLU A 32 -32.35 -10.38 13.96
CA GLU A 32 -33.75 -9.99 14.06
C GLU A 32 -33.89 -8.47 13.85
N ASN A 33 -33.03 -7.70 14.51
CA ASN A 33 -33.01 -6.24 14.42
C ASN A 33 -32.71 -5.74 13.00
N PHE A 34 -31.62 -6.23 12.43
CA PHE A 34 -31.20 -5.86 11.09
C PHE A 34 -32.29 -6.11 10.04
N LEU A 35 -32.88 -7.30 10.07
CA LEU A 35 -33.93 -7.63 9.10
C LEU A 35 -35.15 -6.72 9.24
N ALA A 36 -35.60 -6.49 10.47
CA ALA A 36 -36.76 -5.65 10.71
C ALA A 36 -36.52 -4.21 10.24
N LEU A 37 -35.33 -3.69 10.53
CA LEU A 37 -35.00 -2.33 10.11
C LEU A 37 -34.91 -2.26 8.59
N CYS A 38 -34.44 -3.33 7.96
CA CYS A 38 -34.34 -3.34 6.51
C CYS A 38 -35.74 -3.34 5.90
N ALA A 39 -36.59 -4.24 6.40
CA ALA A 39 -37.95 -4.37 5.90
C ALA A 39 -38.80 -3.12 6.12
N SER A 40 -38.54 -2.38 7.20
CA SER A 40 -39.30 -1.18 7.47
C SER A 40 -38.77 0.05 6.73
N ASN A 41 -37.84 -0.17 5.81
CA ASN A 41 -37.22 0.91 5.01
C ASN A 41 -36.37 1.89 5.80
N TYR A 42 -36.04 1.52 7.03
CA TYR A 42 -35.24 2.35 7.91
C TYR A 42 -33.90 2.77 7.30
N TYR A 43 -33.28 1.89 6.52
CA TYR A 43 -31.97 2.19 5.93
C TYR A 43 -32.05 2.87 4.58
N ASN A 44 -33.23 2.89 3.96
CA ASN A 44 -33.39 3.52 2.66
C ASN A 44 -33.07 5.00 2.76
N GLY A 45 -32.18 5.47 1.89
CA GLY A 45 -31.79 6.87 1.92
C GLY A 45 -30.52 7.09 2.71
N CYS A 46 -30.15 6.12 3.55
CA CYS A 46 -28.93 6.22 4.34
C CYS A 46 -27.67 6.33 3.50
N ILE A 47 -26.69 7.05 4.02
CA ILE A 47 -25.43 7.21 3.30
C ILE A 47 -24.31 6.56 4.09
N PHE A 48 -23.22 6.25 3.41
CA PHE A 48 -22.06 5.71 4.09
C PHE A 48 -21.35 6.98 4.52
N HIS A 49 -21.49 7.35 5.79
CA HIS A 49 -20.91 8.59 6.28
C HIS A 49 -19.44 8.59 6.65
N ARG A 50 -18.88 7.40 6.87
CA ARG A 50 -17.49 7.28 7.26
C ARG A 50 -16.85 6.14 6.48
N ASN A 51 -15.94 6.51 5.57
CA ASN A 51 -15.26 5.54 4.71
C ASN A 51 -13.74 5.67 4.84
N ILE A 52 -13.15 4.73 5.57
CA ILE A 52 -11.70 4.75 5.81
C ILE A 52 -11.01 3.60 5.06
N LYS A 53 -10.38 3.95 3.94
CA LYS A 53 -9.68 2.98 3.10
C LYS A 53 -8.82 2.02 3.93
N GLY A 54 -8.85 0.74 3.55
CA GLY A 54 -8.07 -0.27 4.25
C GLY A 54 -8.61 -0.67 5.61
N PHE A 55 -9.56 0.10 6.13
CA PHE A 55 -10.15 -0.20 7.44
C PHE A 55 -11.59 -0.71 7.31
N MET A 56 -12.55 0.20 7.17
CA MET A 56 -13.94 -0.19 7.03
C MET A 56 -14.80 0.96 6.51
N VAL A 57 -16.04 0.66 6.13
CA VAL A 57 -16.96 1.69 5.66
C VAL A 57 -18.15 1.58 6.62
N GLN A 58 -18.67 2.72 7.06
CA GLN A 58 -19.75 2.76 8.03
C GLN A 58 -21.04 3.42 7.52
N THR A 59 -22.18 2.91 7.97
CA THR A 59 -23.47 3.45 7.54
C THR A 59 -24.56 3.09 8.56
N GLY A 60 -25.83 3.26 8.17
CA GLY A 60 -26.93 2.92 9.06
C GLY A 60 -27.45 4.01 9.97
N ASP A 61 -27.17 5.27 9.64
CA ASP A 61 -27.64 6.38 10.45
C ASP A 61 -28.54 7.28 9.62
N PRO A 62 -29.85 7.24 9.87
CA PRO A 62 -30.84 8.04 9.15
C PRO A 62 -30.49 9.53 9.11
N THR A 63 -29.96 10.04 10.22
CA THR A 63 -29.58 11.46 10.30
C THR A 63 -28.35 11.78 9.47
N GLY A 64 -27.52 10.77 9.20
CA GLY A 64 -26.31 10.98 8.42
C GLY A 64 -25.21 11.67 9.20
N THR A 65 -25.49 12.07 10.44
CA THR A 65 -24.51 12.74 11.29
C THR A 65 -23.47 11.81 11.92
N GLY A 66 -23.83 10.53 12.06
CA GLY A 66 -22.91 9.57 12.68
C GLY A 66 -23.22 9.43 14.17
N ARG A 67 -24.18 10.23 14.64
CA ARG A 67 -24.56 10.22 16.05
C ARG A 67 -25.94 9.59 16.29
N GLY A 68 -26.71 9.40 15.22
CA GLY A 68 -28.03 8.84 15.38
C GLY A 68 -28.21 7.37 15.07
N GLY A 69 -29.47 6.95 15.05
CA GLY A 69 -29.80 5.56 14.77
C GLY A 69 -30.22 4.83 16.02
N ASN A 70 -31.17 3.92 15.86
CA ASN A 70 -31.67 3.13 16.97
C ASN A 70 -32.17 1.79 16.44
N SER A 71 -32.37 0.84 17.34
CA SER A 71 -32.84 -0.48 16.93
C SER A 71 -34.34 -0.47 16.71
N ILE A 72 -34.85 -1.59 16.21
CA ILE A 72 -36.26 -1.74 15.94
C ILE A 72 -37.06 -1.65 17.24
N TRP A 73 -36.44 -2.01 18.36
CA TRP A 73 -37.11 -1.96 19.65
C TRP A 73 -37.06 -0.57 20.27
N GLY A 74 -36.47 0.38 19.54
CA GLY A 74 -36.37 1.73 20.05
C GLY A 74 -35.37 1.93 21.18
N LYS A 75 -34.71 0.86 21.61
CA LYS A 75 -33.72 0.97 22.67
C LYS A 75 -32.51 0.12 22.33
N LYS A 76 -31.32 0.55 22.77
CA LYS A 76 -30.10 -0.21 22.49
C LYS A 76 -30.22 -1.63 23.03
N PHE A 77 -29.53 -2.58 22.39
CA PHE A 77 -29.60 -3.97 22.84
C PHE A 77 -28.21 -4.59 23.10
N GLU A 78 -28.23 -5.74 23.77
CA GLU A 78 -27.01 -6.46 24.15
C GLU A 78 -26.19 -7.03 23.01
N ASP A 79 -24.90 -7.25 23.30
CA ASP A 79 -23.97 -7.80 22.34
C ASP A 79 -24.11 -9.32 22.26
N GLU A 80 -23.71 -9.89 21.13
CA GLU A 80 -23.75 -11.32 20.91
C GLU A 80 -22.43 -11.73 20.29
N TYR A 81 -21.41 -11.89 21.12
CA TYR A 81 -20.09 -12.27 20.67
C TYR A 81 -19.99 -13.78 20.48
N SER A 82 -18.99 -14.21 19.73
CA SER A 82 -18.77 -15.63 19.46
C SER A 82 -17.33 -15.81 18.99
N GLU A 83 -16.69 -16.88 19.45
CA GLU A 83 -15.30 -17.13 19.05
C GLU A 83 -15.25 -17.63 17.61
N TYR A 84 -16.41 -18.01 17.07
CA TYR A 84 -16.47 -18.49 15.69
C TYR A 84 -16.55 -17.32 14.71
N LEU A 85 -17.12 -16.21 15.16
CA LEU A 85 -17.26 -15.01 14.33
C LEU A 85 -16.19 -13.96 14.64
N LYS A 86 -15.33 -13.69 13.68
CA LYS A 86 -14.25 -12.72 13.87
C LYS A 86 -14.05 -11.85 12.66
N HIS A 87 -13.39 -10.71 12.85
CA HIS A 87 -13.10 -9.78 11.76
C HIS A 87 -11.80 -10.26 11.12
N ASN A 88 -11.83 -11.47 10.56
CA ASN A 88 -10.64 -12.06 9.94
C ASN A 88 -10.49 -11.96 8.43
N VAL A 89 -11.52 -11.49 7.74
CA VAL A 89 -11.44 -11.35 6.28
C VAL A 89 -12.09 -10.06 5.80
N ARG A 90 -11.95 -9.79 4.51
CA ARG A 90 -12.54 -8.60 3.92
C ARG A 90 -14.03 -8.87 3.81
N GLY A 91 -14.83 -7.82 3.99
CA GLY A 91 -16.27 -7.98 3.87
C GLY A 91 -17.04 -8.50 5.07
N VAL A 92 -16.50 -8.32 6.27
CA VAL A 92 -17.20 -8.78 7.47
C VAL A 92 -18.17 -7.66 7.86
N VAL A 93 -19.36 -8.05 8.33
CA VAL A 93 -20.37 -7.07 8.72
C VAL A 93 -20.61 -7.05 10.23
N SER A 94 -20.38 -5.89 10.83
CA SER A 94 -20.53 -5.71 12.28
C SER A 94 -21.35 -4.50 12.72
N MET A 95 -21.79 -4.55 13.98
CA MET A 95 -22.56 -3.49 14.58
C MET A 95 -21.60 -2.52 15.25
N ALA A 96 -21.73 -1.23 14.93
CA ALA A 96 -20.90 -0.21 15.56
C ALA A 96 -21.52 0.03 16.94
N ASN A 97 -20.77 0.63 17.86
CA ASN A 97 -21.33 0.92 19.19
C ASN A 97 -20.52 1.96 19.96
N ASN A 98 -20.93 2.21 21.20
CA ASN A 98 -20.25 3.15 22.10
C ASN A 98 -19.97 2.41 23.40
N GLY A 99 -19.53 1.16 23.29
CA GLY A 99 -19.25 0.38 24.47
C GLY A 99 -20.23 -0.77 24.62
N PRO A 100 -19.98 -1.70 25.54
CA PRO A 100 -20.87 -2.85 25.74
C PRO A 100 -22.36 -2.53 25.76
N ASN A 101 -23.12 -3.43 25.14
CA ASN A 101 -24.57 -3.34 25.04
C ASN A 101 -25.14 -1.99 24.64
N THR A 102 -24.71 -1.49 23.49
CA THR A 102 -25.21 -0.21 23.00
C THR A 102 -25.48 -0.26 21.50
N ASN A 103 -25.83 -1.44 21.00
CA ASN A 103 -26.12 -1.63 19.58
C ASN A 103 -27.41 -0.91 19.17
N GLY A 104 -27.35 -0.21 18.04
CA GLY A 104 -28.52 0.50 17.55
C GLY A 104 -28.87 0.06 16.13
N SER A 105 -28.55 0.91 15.17
CA SER A 105 -28.82 0.62 13.77
C SER A 105 -27.54 0.66 12.96
N GLN A 106 -26.59 1.48 13.38
CA GLN A 106 -25.33 1.62 12.67
C GLN A 106 -24.49 0.34 12.61
N PHE A 107 -24.00 0.04 11.41
CA PHE A 107 -23.18 -1.13 11.18
C PHE A 107 -22.07 -0.76 10.19
N PHE A 108 -21.10 -1.66 10.02
CA PHE A 108 -20.02 -1.41 9.09
C PHE A 108 -19.56 -2.67 8.40
N ILE A 109 -18.89 -2.48 7.28
CA ILE A 109 -18.36 -3.56 6.46
C ILE A 109 -16.84 -3.36 6.41
N THR A 110 -16.07 -4.39 6.76
CA THR A 110 -14.62 -4.25 6.77
C THR A 110 -13.94 -4.45 5.42
N TYR A 111 -12.85 -3.73 5.22
CA TYR A 111 -12.07 -3.81 3.99
C TYR A 111 -10.97 -4.84 4.11
N GLY A 112 -10.76 -5.32 5.33
CA GLY A 112 -9.74 -6.32 5.58
C GLY A 112 -9.78 -6.82 7.00
N LYS A 113 -8.87 -7.75 7.31
CA LYS A 113 -8.73 -8.33 8.63
C LYS A 113 -8.57 -7.21 9.66
N GLN A 114 -9.29 -7.29 10.78
CA GLN A 114 -9.20 -6.28 11.83
C GLN A 114 -9.37 -6.95 13.20
N PRO A 115 -8.36 -7.73 13.63
CA PRO A 115 -8.39 -8.48 14.89
C PRO A 115 -8.65 -7.68 16.18
N HIS A 116 -8.36 -6.39 16.17
CA HIS A 116 -8.59 -5.57 17.36
C HIS A 116 -10.07 -5.27 17.63
N LEU A 117 -10.95 -5.67 16.71
CA LEU A 117 -12.38 -5.44 16.89
C LEU A 117 -13.06 -6.65 17.50
N ASP A 118 -12.38 -7.80 17.44
CA ASP A 118 -12.94 -9.03 17.95
C ASP A 118 -13.31 -8.99 19.43
N MET A 119 -14.51 -9.48 19.75
CA MET A 119 -15.04 -9.53 21.11
C MET A 119 -15.39 -8.16 21.67
N LYS A 120 -15.47 -7.17 20.80
CA LYS A 120 -15.84 -5.83 21.22
C LYS A 120 -16.96 -5.29 20.35
N TYR A 121 -17.11 -5.87 19.16
CA TYR A 121 -18.17 -5.48 18.24
C TYR A 121 -18.83 -6.75 17.70
N THR A 122 -20.16 -6.77 17.75
CA THR A 122 -20.90 -7.92 17.27
C THR A 122 -20.84 -8.13 15.76
N VAL A 123 -20.33 -9.29 15.37
CA VAL A 123 -20.23 -9.68 13.97
C VAL A 123 -21.57 -10.37 13.72
N PHE A 124 -22.23 -10.07 12.61
CA PHE A 124 -23.52 -10.70 12.33
C PHE A 124 -23.73 -11.05 10.84
N GLY A 125 -22.70 -10.86 10.03
CA GLY A 125 -22.83 -11.17 8.62
C GLY A 125 -21.54 -11.07 7.83
N LYS A 126 -21.60 -11.49 6.57
CA LYS A 126 -20.43 -11.46 5.70
C LYS A 126 -20.88 -11.15 4.27
N VAL A 127 -20.07 -10.42 3.52
CA VAL A 127 -20.41 -10.11 2.14
C VAL A 127 -20.14 -11.38 1.35
N ILE A 128 -21.18 -11.96 0.77
CA ILE A 128 -21.01 -13.19 0.00
C ILE A 128 -21.14 -12.97 -1.51
N ASP A 129 -21.40 -11.73 -1.91
CA ASP A 129 -21.53 -11.39 -3.31
C ASP A 129 -21.52 -9.87 -3.43
N GLY A 130 -20.98 -9.37 -4.52
CA GLY A 130 -20.91 -7.93 -4.72
C GLY A 130 -19.59 -7.34 -4.27
N LEU A 131 -18.60 -8.20 -4.01
CA LEU A 131 -17.28 -7.72 -3.56
C LEU A 131 -16.81 -6.56 -4.42
N GLU A 132 -17.09 -6.63 -5.72
CA GLU A 132 -16.69 -5.57 -6.63
C GLU A 132 -17.30 -4.22 -6.25
N THR A 133 -18.44 -4.24 -5.58
CA THR A 133 -19.08 -2.99 -5.17
C THR A 133 -18.26 -2.46 -3.99
N LEU A 134 -17.74 -3.38 -3.19
CA LEU A 134 -16.93 -3.04 -2.04
C LEU A 134 -15.68 -2.30 -2.47
N ASP A 135 -15.13 -2.69 -3.63
CA ASP A 135 -13.93 -2.06 -4.17
C ASP A 135 -14.21 -0.63 -4.60
N GLU A 136 -15.38 -0.42 -5.20
CA GLU A 136 -15.76 0.91 -5.65
C GLU A 136 -15.92 1.85 -4.46
N LEU A 137 -16.36 1.30 -3.33
CA LEU A 137 -16.53 2.11 -2.12
C LEU A 137 -15.19 2.49 -1.52
N GLU A 138 -14.27 1.54 -1.47
CA GLU A 138 -12.95 1.80 -0.90
C GLU A 138 -12.14 2.85 -1.67
N LYS A 139 -12.51 3.10 -2.92
CA LYS A 139 -11.78 4.07 -3.73
C LYS A 139 -12.44 5.44 -3.78
N LEU A 140 -13.60 5.57 -3.15
CA LEU A 140 -14.31 6.85 -3.15
C LEU A 140 -13.51 7.94 -2.43
N PRO A 141 -13.47 9.15 -3.02
CA PRO A 141 -12.75 10.28 -2.42
C PRO A 141 -13.52 10.74 -1.17
N VAL A 142 -12.79 11.08 -0.11
CA VAL A 142 -13.42 11.53 1.11
C VAL A 142 -12.69 12.71 1.73
N ASN A 143 -13.35 13.37 2.66
CA ASN A 143 -12.77 14.50 3.37
C ASN A 143 -11.61 13.92 4.18
N GLU A 144 -10.43 14.52 4.07
CA GLU A 144 -9.24 14.04 4.77
C GLU A 144 -9.36 14.00 6.30
N LYS A 145 -10.24 14.82 6.86
CA LYS A 145 -10.41 14.85 8.31
C LYS A 145 -11.56 14.02 8.87
N THR A 146 -12.74 14.13 8.27
CA THR A 146 -13.91 13.40 8.73
C THR A 146 -14.10 12.06 8.01
N TYR A 147 -13.38 11.86 6.92
CA TYR A 147 -13.47 10.63 6.13
C TYR A 147 -14.86 10.45 5.51
N ARG A 148 -15.63 11.53 5.49
CA ARG A 148 -16.97 11.49 4.89
C ARG A 148 -16.79 11.58 3.38
N PRO A 149 -17.45 10.69 2.63
CA PRO A 149 -17.32 10.75 1.18
C PRO A 149 -17.75 12.11 0.62
N LEU A 150 -16.90 12.72 -0.20
CA LEU A 150 -17.18 14.02 -0.81
C LEU A 150 -18.53 13.99 -1.52
N ASN A 151 -18.79 12.91 -2.24
CA ASN A 151 -20.05 12.75 -2.96
C ASN A 151 -20.89 11.69 -2.25
N ASP A 152 -22.07 12.09 -1.76
CA ASP A 152 -22.98 11.19 -1.06
C ASP A 152 -23.32 9.90 -1.81
N VAL A 153 -23.07 8.77 -1.16
CA VAL A 153 -23.37 7.45 -1.72
C VAL A 153 -24.42 6.83 -0.81
N HIS A 154 -25.65 6.71 -1.32
CA HIS A 154 -26.75 6.16 -0.53
C HIS A 154 -27.04 4.71 -0.78
N ILE A 155 -27.91 4.17 0.08
CA ILE A 155 -28.41 2.81 -0.02
C ILE A 155 -29.82 3.13 -0.49
N LYS A 156 -30.13 2.80 -1.75
CA LYS A 156 -31.44 3.09 -2.31
C LYS A 156 -32.53 2.23 -1.70
N ASP A 157 -32.38 0.92 -1.83
CA ASP A 157 -33.38 0.00 -1.32
C ASP A 157 -32.67 -1.29 -0.95
N ILE A 158 -33.41 -2.22 -0.37
CA ILE A 158 -32.83 -3.50 0.01
C ILE A 158 -33.76 -4.65 -0.38
N THR A 159 -33.19 -5.83 -0.57
CA THR A 159 -33.96 -7.01 -0.90
C THR A 159 -33.65 -8.05 0.16
N ILE A 160 -34.69 -8.67 0.70
CA ILE A 160 -34.47 -9.69 1.71
C ILE A 160 -34.64 -11.04 1.05
N HIS A 161 -33.61 -11.86 1.13
CA HIS A 161 -33.65 -13.21 0.55
C HIS A 161 -33.93 -14.21 1.64
N ALA A 162 -35.17 -14.67 1.71
CA ALA A 162 -35.54 -15.66 2.70
C ALA A 162 -36.81 -16.33 2.23
N ASN A 163 -37.02 -17.57 2.64
CA ASN A 163 -38.21 -18.30 2.25
C ASN A 163 -38.91 -18.77 3.53
N PRO A 164 -40.04 -18.14 3.87
CA PRO A 164 -40.80 -18.48 5.08
C PRO A 164 -41.41 -19.90 5.03
N PHE A 165 -41.67 -20.37 3.81
CA PHE A 165 -42.24 -21.70 3.59
C PHE A 165 -41.29 -22.84 3.98
N SER B 1 10.74 -3.14 -39.18
CA SER B 1 11.13 -3.70 -37.86
C SER B 1 12.24 -2.86 -37.23
N ARG B 2 11.95 -2.20 -36.12
CA ARG B 2 12.95 -1.36 -35.45
C ARG B 2 13.62 -1.98 -34.22
N VAL B 3 14.61 -1.27 -33.70
CA VAL B 3 15.34 -1.71 -32.52
C VAL B 3 15.15 -0.71 -31.38
N ASP B 4 15.09 -1.23 -30.16
CA ASP B 4 14.94 -0.40 -28.98
C ASP B 4 16.18 -0.66 -28.11
N GLY B 5 17.02 0.36 -27.97
CA GLY B 5 18.22 0.24 -27.17
C GLY B 5 17.94 0.42 -25.69
N GLY B 6 16.67 0.61 -25.34
CA GLY B 6 16.30 0.79 -23.95
C GLY B 6 16.63 2.15 -23.37
N MET B 7 16.40 2.30 -22.06
CA MET B 7 16.69 3.55 -21.38
C MET B 7 17.97 3.52 -20.54
N SER B 8 18.54 4.70 -20.36
CA SER B 8 19.75 4.88 -19.57
C SER B 8 19.68 6.28 -18.96
N VAL B 9 20.46 6.52 -17.90
CA VAL B 9 20.45 7.84 -17.26
C VAL B 9 21.88 8.28 -17.02
N THR B 10 22.06 9.59 -16.91
CA THR B 10 23.38 10.16 -16.64
C THR B 10 23.31 10.91 -15.32
N LEU B 11 24.12 10.46 -14.36
CA LEU B 11 24.17 11.11 -13.07
C LEU B 11 25.14 12.27 -13.18
N HIS B 12 24.65 13.48 -12.86
CA HIS B 12 25.50 14.66 -12.91
C HIS B 12 26.01 14.92 -11.49
N THR B 13 27.24 14.55 -11.22
CA THR B 13 27.82 14.70 -9.90
C THR B 13 28.80 15.86 -9.79
N ASP B 14 29.11 16.25 -8.55
CA ASP B 14 30.04 17.34 -8.28
C ASP B 14 31.44 17.05 -8.83
N VAL B 15 31.70 15.78 -9.17
CA VAL B 15 33.01 15.41 -9.70
C VAL B 15 32.96 14.78 -11.09
N GLY B 16 31.85 14.97 -11.79
CA GLY B 16 31.75 14.40 -13.13
C GLY B 16 30.46 13.67 -13.46
N ASP B 17 30.36 13.20 -14.70
CA ASP B 17 29.17 12.47 -15.13
C ASP B 17 29.39 10.97 -15.08
N ILE B 18 28.30 10.26 -14.82
CA ILE B 18 28.33 8.80 -14.78
C ILE B 18 27.12 8.35 -15.55
N LYS B 19 27.33 7.64 -16.66
CA LYS B 19 26.20 7.17 -17.45
C LYS B 19 25.93 5.71 -17.09
N ILE B 20 24.67 5.44 -16.76
CA ILE B 20 24.23 4.11 -16.36
C ILE B 20 23.18 3.50 -17.28
N GLU B 21 23.42 2.29 -17.75
CA GLU B 21 22.44 1.60 -18.58
C GLU B 21 21.53 0.89 -17.57
N VAL B 22 20.23 0.88 -17.81
CA VAL B 22 19.31 0.24 -16.89
C VAL B 22 18.66 -1.01 -17.49
N PHE B 23 18.95 -2.17 -16.93
CA PHE B 23 18.42 -3.44 -17.45
C PHE B 23 16.93 -3.63 -17.24
N CYS B 24 16.11 -2.88 -18.01
CA CYS B 24 14.66 -2.95 -17.87
C CYS B 24 14.02 -4.23 -18.37
N GLU B 25 14.75 -4.99 -19.15
CA GLU B 25 14.22 -6.23 -19.66
C GLU B 25 14.23 -7.29 -18.57
N ARG B 26 15.35 -7.36 -17.83
CA ARG B 26 15.55 -8.32 -16.76
C ARG B 26 14.96 -7.94 -15.41
N THR B 27 15.22 -6.71 -14.95
CA THR B 27 14.70 -6.24 -13.67
C THR B 27 13.74 -5.06 -13.93
N PRO B 28 12.52 -5.37 -14.39
CA PRO B 28 11.49 -4.38 -14.74
C PRO B 28 11.03 -3.42 -13.64
N LYS B 29 10.62 -3.94 -12.49
CA LYS B 29 10.17 -3.10 -11.39
C LYS B 29 11.28 -2.23 -10.84
N THR B 30 12.48 -2.79 -10.73
CA THR B 30 13.60 -2.03 -10.20
C THR B 30 13.90 -0.90 -11.17
N CYS B 31 13.75 -1.22 -12.46
CA CYS B 31 13.99 -0.26 -13.54
C CYS B 31 12.99 0.89 -13.51
N GLU B 32 11.70 0.57 -13.45
CA GLU B 32 10.70 1.61 -13.43
C GLU B 32 10.86 2.50 -12.19
N ASN B 33 11.11 1.90 -11.03
CA ASN B 33 11.30 2.64 -9.79
C ASN B 33 12.47 3.60 -9.90
N PHE B 34 13.59 3.12 -10.45
CA PHE B 34 14.76 3.97 -10.58
C PHE B 34 14.51 5.15 -11.52
N LEU B 35 13.94 4.87 -12.69
CA LEU B 35 13.65 5.91 -13.65
C LEU B 35 12.65 6.93 -13.11
N ALA B 36 11.64 6.46 -12.39
CA ALA B 36 10.62 7.34 -11.84
C ALA B 36 11.19 8.29 -10.78
N LEU B 37 11.98 7.75 -9.85
CA LEU B 37 12.59 8.58 -8.82
C LEU B 37 13.51 9.58 -9.49
N CYS B 38 14.22 9.12 -10.51
CA CYS B 38 15.13 9.99 -11.25
C CYS B 38 14.39 11.19 -11.87
N ALA B 39 13.21 10.92 -12.43
CA ALA B 39 12.41 11.94 -13.07
C ALA B 39 11.71 12.90 -12.11
N SER B 40 11.45 12.45 -10.89
CA SER B 40 10.79 13.28 -9.88
C SER B 40 11.75 14.20 -9.14
N ASN B 41 13.02 14.17 -9.54
CA ASN B 41 14.09 14.96 -8.92
C ASN B 41 14.47 14.43 -7.53
N TYR B 42 13.87 13.30 -7.14
CA TYR B 42 14.13 12.65 -5.85
C TYR B 42 15.62 12.58 -5.46
N TYR B 43 16.47 12.22 -6.39
CA TYR B 43 17.91 12.11 -6.11
C TYR B 43 18.67 13.41 -6.25
N ASN B 44 17.99 14.47 -6.70
CA ASN B 44 18.65 15.75 -6.87
C ASN B 44 19.07 16.24 -5.48
N GLY B 45 20.36 16.46 -5.30
CA GLY B 45 20.86 16.92 -4.01
C GLY B 45 21.43 15.80 -3.14
N CYS B 46 21.24 14.55 -3.57
CA CYS B 46 21.76 13.41 -2.82
C CYS B 46 23.27 13.37 -2.82
N ILE B 47 23.84 12.94 -1.69
CA ILE B 47 25.27 12.81 -1.55
C ILE B 47 25.57 11.33 -1.42
N PHE B 48 26.82 10.97 -1.68
CA PHE B 48 27.24 9.58 -1.54
C PHE B 48 27.66 9.44 -0.06
N HIS B 49 26.73 8.98 0.78
CA HIS B 49 26.97 8.85 2.21
C HIS B 49 27.88 7.74 2.72
N ARG B 50 28.38 6.88 1.84
CA ARG B 50 29.25 5.80 2.29
C ARG B 50 30.14 5.35 1.13
N ASN B 51 31.41 5.71 1.20
CA ASN B 51 32.36 5.37 0.13
C ASN B 51 33.54 4.52 0.58
N ILE B 52 33.49 3.23 0.25
CA ILE B 52 34.53 2.29 0.64
C ILE B 52 35.44 1.88 -0.50
N LYS B 53 36.64 2.46 -0.53
CA LYS B 53 37.64 2.18 -1.56
C LYS B 53 37.77 0.66 -1.76
N GLY B 54 37.82 0.25 -3.03
CA GLY B 54 37.93 -1.16 -3.35
C GLY B 54 36.63 -1.95 -3.23
N PHE B 55 35.65 -1.39 -2.50
CA PHE B 55 34.37 -2.08 -2.30
C PHE B 55 33.24 -1.47 -3.14
N MET B 56 32.59 -0.43 -2.62
CA MET B 56 31.50 0.21 -3.34
C MET B 56 31.17 1.59 -2.79
N VAL B 57 30.49 2.41 -3.59
CA VAL B 57 30.08 3.73 -3.16
C VAL B 57 28.56 3.64 -3.12
N GLN B 58 27.96 4.08 -2.03
CA GLN B 58 26.51 4.02 -1.85
C GLN B 58 25.86 5.40 -1.75
N THR B 59 24.65 5.52 -2.30
CA THR B 59 23.91 6.78 -2.30
C THR B 59 22.42 6.50 -2.36
N GLY B 60 21.64 7.51 -2.76
CA GLY B 60 20.20 7.34 -2.91
C GLY B 60 19.33 7.65 -1.71
N ASP B 61 19.91 8.29 -0.70
CA ASP B 61 19.18 8.65 0.51
C ASP B 61 19.06 10.17 0.61
N PRO B 62 17.84 10.70 0.47
CA PRO B 62 17.61 12.15 0.55
C PRO B 62 18.13 12.70 1.88
N THR B 63 17.67 12.07 2.97
CA THR B 63 18.05 12.47 4.32
C THR B 63 19.56 12.43 4.55
N GLY B 64 20.28 11.67 3.73
CA GLY B 64 21.71 11.61 3.88
C GLY B 64 22.22 10.90 5.12
N THR B 65 21.30 10.40 5.95
CA THR B 65 21.70 9.68 7.16
C THR B 65 22.26 8.32 6.77
N GLY B 66 21.40 7.47 6.22
CA GLY B 66 21.83 6.15 5.81
C GLY B 66 20.68 5.18 5.90
N ARG B 67 19.60 5.61 6.54
CA ARG B 67 18.43 4.76 6.70
C ARG B 67 17.18 5.37 6.09
N GLY B 68 17.37 6.32 5.18
CA GLY B 68 16.23 6.96 4.56
C GLY B 68 16.00 6.55 3.12
N GLY B 69 14.92 7.05 2.53
CA GLY B 69 14.59 6.75 1.15
C GLY B 69 13.45 5.77 1.00
N ASN B 70 12.80 5.80 -0.16
CA ASN B 70 11.71 4.87 -0.41
C ASN B 70 11.43 4.80 -1.90
N SER B 71 10.57 3.88 -2.30
CA SER B 71 10.26 3.72 -3.71
C SER B 71 9.15 4.68 -4.13
N ILE B 72 9.06 4.89 -5.44
CA ILE B 72 8.04 5.77 -6.01
C ILE B 72 6.68 5.32 -5.50
N TRP B 73 6.52 4.03 -5.27
CA TRP B 73 5.25 3.51 -4.79
C TRP B 73 5.07 3.75 -3.29
N GLY B 74 6.11 4.28 -2.65
CA GLY B 74 6.05 4.57 -1.23
C GLY B 74 6.07 3.35 -0.30
N LYS B 75 6.42 2.19 -0.83
CA LYS B 75 6.47 0.96 -0.03
C LYS B 75 7.56 0.12 -0.63
N LYS B 76 8.35 -0.53 0.23
CA LYS B 76 9.45 -1.37 -0.24
C LYS B 76 8.93 -2.44 -1.20
N PHE B 77 9.72 -2.77 -2.22
CA PHE B 77 9.30 -3.79 -3.18
C PHE B 77 10.24 -4.98 -3.26
N GLU B 78 9.73 -6.03 -3.91
CA GLU B 78 10.42 -7.31 -4.10
C GLU B 78 11.76 -7.22 -4.81
N ASP B 79 12.55 -8.27 -4.67
CA ASP B 79 13.86 -8.36 -5.32
C ASP B 79 13.63 -8.90 -6.72
N GLU B 80 14.60 -8.69 -7.60
CA GLU B 80 14.51 -9.20 -8.96
C GLU B 80 15.89 -9.72 -9.32
N TYR B 81 16.07 -11.03 -9.16
CA TYR B 81 17.35 -11.65 -9.45
C TYR B 81 17.36 -12.31 -10.83
N SER B 82 18.55 -12.47 -11.37
CA SER B 82 18.76 -13.12 -12.67
C SER B 82 20.12 -13.79 -12.64
N GLU B 83 20.17 -15.05 -13.06
CA GLU B 83 21.43 -15.78 -13.04
C GLU B 83 22.51 -15.15 -13.93
N TYR B 84 22.10 -14.20 -14.77
CA TYR B 84 23.03 -13.53 -15.67
C TYR B 84 23.40 -12.13 -15.21
N LEU B 85 22.82 -11.71 -14.07
CA LEU B 85 23.12 -10.41 -13.50
C LEU B 85 23.91 -10.62 -12.22
N LYS B 86 25.20 -10.29 -12.25
CA LYS B 86 26.08 -10.48 -11.11
C LYS B 86 27.11 -9.38 -10.89
N HIS B 87 27.55 -9.24 -9.64
CA HIS B 87 28.54 -8.24 -9.27
C HIS B 87 29.90 -8.81 -9.63
N ASN B 88 30.17 -8.91 -10.93
CA ASN B 88 31.44 -9.47 -11.36
C ASN B 88 32.43 -8.49 -11.97
N VAL B 89 32.01 -7.25 -12.20
CA VAL B 89 32.93 -6.29 -12.77
C VAL B 89 32.76 -4.93 -12.10
N ARG B 90 33.76 -4.07 -12.28
CA ARG B 90 33.74 -2.73 -11.71
C ARG B 90 32.69 -1.87 -12.39
N GLY B 91 31.69 -1.41 -11.64
CA GLY B 91 30.67 -0.57 -12.23
C GLY B 91 29.27 -1.12 -12.24
N VAL B 92 29.03 -2.21 -11.53
CA VAL B 92 27.68 -2.76 -11.47
C VAL B 92 26.88 -1.83 -10.57
N VAL B 93 25.59 -1.67 -10.88
CA VAL B 93 24.71 -0.80 -10.11
C VAL B 93 23.63 -1.66 -9.45
N SER B 94 23.56 -1.64 -8.11
CA SER B 94 22.57 -2.45 -7.41
C SER B 94 21.81 -1.73 -6.31
N MET B 95 20.72 -2.35 -5.88
CA MET B 95 19.89 -1.82 -4.83
C MET B 95 20.33 -2.31 -3.46
N ALA B 96 20.61 -1.37 -2.58
CA ALA B 96 20.97 -1.68 -1.21
C ALA B 96 19.69 -2.21 -0.57
N ASN B 97 19.78 -2.74 0.65
CA ASN B 97 18.58 -3.24 1.34
C ASN B 97 18.87 -3.72 2.76
N ASN B 98 17.82 -4.04 3.50
CA ASN B 98 17.94 -4.54 4.87
C ASN B 98 17.34 -5.94 4.91
N GLY B 99 17.65 -6.74 3.89
CA GLY B 99 17.10 -8.08 3.82
C GLY B 99 16.19 -8.23 2.62
N PRO B 100 15.72 -9.45 2.33
CA PRO B 100 14.84 -9.76 1.20
C PRO B 100 13.58 -8.90 1.08
N ASN B 101 13.41 -8.30 -0.11
CA ASN B 101 12.26 -7.47 -0.45
C ASN B 101 12.13 -6.20 0.38
N THR B 102 13.22 -5.47 0.49
CA THR B 102 13.22 -4.22 1.25
C THR B 102 13.81 -3.12 0.39
N ASN B 103 13.64 -3.27 -0.92
CA ASN B 103 14.14 -2.28 -1.88
C ASN B 103 13.38 -0.98 -1.81
N GLY B 104 14.12 0.12 -1.73
CA GLY B 104 13.50 1.43 -1.65
C GLY B 104 14.06 2.36 -2.72
N SER B 105 15.08 3.14 -2.35
CA SER B 105 15.68 4.07 -3.28
C SER B 105 17.19 4.06 -3.21
N GLN B 106 17.75 3.60 -2.08
CA GLN B 106 19.20 3.56 -1.95
C GLN B 106 19.79 2.53 -2.90
N PHE B 107 20.94 2.86 -3.48
CA PHE B 107 21.58 1.96 -4.40
C PHE B 107 23.08 2.20 -4.34
N PHE B 108 23.86 1.27 -4.88
CA PHE B 108 25.30 1.42 -4.87
C PHE B 108 25.94 1.03 -6.19
N ILE B 109 27.19 1.44 -6.36
CA ILE B 109 27.96 1.14 -7.56
C ILE B 109 29.24 0.48 -7.07
N THR B 110 29.53 -0.71 -7.58
CA THR B 110 30.72 -1.46 -7.16
C THR B 110 32.01 -0.95 -7.76
N TYR B 111 33.09 -1.03 -6.98
CA TYR B 111 34.39 -0.58 -7.42
C TYR B 111 35.19 -1.75 -8.00
N GLY B 112 34.60 -2.95 -7.93
CA GLY B 112 35.25 -4.12 -8.44
C GLY B 112 34.42 -5.35 -8.17
N LYS B 113 34.94 -6.51 -8.58
CA LYS B 113 34.26 -7.79 -8.41
C LYS B 113 33.85 -8.02 -6.95
N GLN B 114 32.57 -8.31 -6.73
CA GLN B 114 32.06 -8.52 -5.37
C GLN B 114 31.09 -9.69 -5.35
N PRO B 115 31.58 -10.92 -5.59
CA PRO B 115 30.75 -12.13 -5.64
C PRO B 115 29.83 -12.46 -4.45
N HIS B 116 30.18 -12.00 -3.25
CA HIS B 116 29.33 -12.31 -2.09
C HIS B 116 28.00 -11.57 -2.05
N LEU B 117 27.73 -10.73 -3.04
CA LEU B 117 26.49 -9.98 -3.10
C LEU B 117 25.47 -10.65 -4.03
N ASP B 118 25.98 -11.49 -4.94
CA ASP B 118 25.13 -12.18 -5.91
C ASP B 118 23.97 -12.92 -5.26
N MET B 119 22.78 -12.73 -5.83
CA MET B 119 21.56 -13.34 -5.34
C MET B 119 21.09 -12.78 -4.00
N LYS B 120 21.78 -11.77 -3.48
CA LYS B 120 21.36 -11.16 -2.22
C LYS B 120 20.94 -9.69 -2.40
N TYR B 121 21.39 -9.08 -3.50
CA TYR B 121 21.05 -7.70 -3.81
C TYR B 121 20.72 -7.57 -5.29
N THR B 122 19.59 -6.93 -5.60
CA THR B 122 19.15 -6.75 -6.99
C THR B 122 20.06 -5.87 -7.83
N VAL B 123 20.73 -6.44 -8.83
CA VAL B 123 21.58 -5.63 -9.70
C VAL B 123 20.66 -5.21 -10.85
N PHE B 124 20.63 -3.92 -11.16
CA PHE B 124 19.76 -3.44 -12.21
C PHE B 124 20.44 -2.53 -13.23
N GLY B 125 21.75 -2.37 -13.12
CA GLY B 125 22.44 -1.51 -14.07
C GLY B 125 23.93 -1.69 -14.16
N LYS B 126 24.55 -0.90 -15.01
CA LYS B 126 26.00 -0.95 -15.20
C LYS B 126 26.50 0.37 -15.75
N VAL B 127 27.64 0.83 -15.25
CA VAL B 127 28.23 2.07 -15.72
C VAL B 127 28.79 1.84 -17.12
N ILE B 128 28.17 2.43 -18.12
CA ILE B 128 28.61 2.26 -19.50
C ILE B 128 29.57 3.36 -19.95
N ASP B 129 29.47 4.53 -19.31
CA ASP B 129 30.35 5.62 -19.66
C ASP B 129 30.60 6.53 -18.46
N GLY B 130 31.80 7.09 -18.38
CA GLY B 130 32.15 7.96 -17.28
C GLY B 130 32.92 7.23 -16.21
N LEU B 131 33.61 6.16 -16.59
CA LEU B 131 34.39 5.39 -15.62
C LEU B 131 35.38 6.28 -14.89
N GLU B 132 35.85 7.32 -15.58
CA GLU B 132 36.80 8.24 -14.97
C GLU B 132 36.22 8.77 -13.67
N THR B 133 34.98 9.24 -13.75
CA THR B 133 34.28 9.78 -12.59
C THR B 133 34.29 8.79 -11.41
N LEU B 134 34.30 7.50 -11.71
CA LEU B 134 34.34 6.50 -10.65
C LEU B 134 35.67 6.54 -9.90
N ASP B 135 36.75 6.77 -10.64
CA ASP B 135 38.07 6.83 -10.01
C ASP B 135 38.18 8.01 -9.06
N GLU B 136 37.62 9.15 -9.46
CA GLU B 136 37.65 10.34 -8.63
C GLU B 136 36.92 10.05 -7.33
N LEU B 137 35.78 9.38 -7.45
CA LEU B 137 34.98 9.04 -6.28
C LEU B 137 35.72 8.11 -5.32
N GLU B 138 36.40 7.11 -5.87
CA GLU B 138 37.13 6.15 -5.05
C GLU B 138 38.26 6.75 -4.25
N LYS B 139 39.11 7.53 -4.91
CA LYS B 139 40.25 8.15 -4.24
C LYS B 139 39.85 9.41 -3.48
N LEU B 140 38.69 9.39 -2.84
CA LEU B 140 38.22 10.53 -2.08
C LEU B 140 38.48 10.38 -0.60
N PRO B 141 39.07 11.41 0.03
CA PRO B 141 39.33 11.38 1.47
C PRO B 141 38.00 11.16 2.20
N VAL B 142 37.91 10.06 2.95
CA VAL B 142 36.70 9.75 3.68
C VAL B 142 37.00 9.69 5.17
N ASN B 143 35.95 9.49 5.97
CA ASN B 143 36.10 9.38 7.41
C ASN B 143 36.99 8.18 7.66
N GLU B 144 36.59 7.28 8.55
CA GLU B 144 37.39 6.11 8.82
C GLU B 144 36.59 4.97 9.42
N LYS B 145 35.56 5.33 10.17
CA LYS B 145 34.71 4.33 10.78
C LYS B 145 33.27 4.52 10.30
N THR B 146 33.12 5.41 9.32
CA THR B 146 31.81 5.70 8.74
C THR B 146 31.91 5.75 7.22
N TYR B 147 33.12 6.02 6.74
CA TYR B 147 33.38 6.11 5.31
C TYR B 147 32.64 7.27 4.67
N ARG B 148 32.10 8.13 5.52
CA ARG B 148 31.38 9.33 5.08
C ARG B 148 32.45 10.24 4.50
N PRO B 149 32.34 10.59 3.20
CA PRO B 149 33.36 11.46 2.61
C PRO B 149 33.58 12.71 3.48
N LEU B 150 34.82 13.18 3.56
CA LEU B 150 35.13 14.37 4.36
C LEU B 150 34.36 15.55 3.78
N ASN B 151 34.47 15.71 2.46
CA ASN B 151 33.77 16.78 1.76
C ASN B 151 32.56 16.15 1.08
N ASP B 152 31.40 16.79 1.21
CA ASP B 152 30.20 16.30 0.57
C ASP B 152 30.32 16.36 -0.96
N VAL B 153 29.89 15.28 -1.60
CA VAL B 153 29.91 15.18 -3.06
C VAL B 153 28.49 14.78 -3.44
N HIS B 154 27.84 15.61 -4.26
CA HIS B 154 26.46 15.35 -4.64
C HIS B 154 26.15 14.91 -6.05
N ILE B 155 24.87 14.61 -6.21
CA ILE B 155 24.28 14.24 -7.48
C ILE B 155 23.42 15.50 -7.68
N LYS B 156 23.91 16.42 -8.50
CA LYS B 156 23.23 17.69 -8.78
C LYS B 156 21.85 17.42 -9.36
N ASP B 157 21.82 16.79 -10.54
CA ASP B 157 20.57 16.44 -11.21
C ASP B 157 20.81 15.25 -12.13
N ILE B 158 19.74 14.76 -12.75
CA ILE B 158 19.85 13.59 -13.60
C ILE B 158 19.19 13.69 -14.97
N THR B 159 19.92 13.30 -16.01
CA THR B 159 19.40 13.32 -17.37
C THR B 159 18.94 11.92 -17.78
N ILE B 160 17.71 11.82 -18.26
CA ILE B 160 17.18 10.55 -18.72
C ILE B 160 17.33 10.49 -20.25
N HIS B 161 17.89 9.38 -20.75
CA HIS B 161 18.10 9.20 -22.18
C HIS B 161 17.12 8.19 -22.75
N ALA B 162 16.56 8.50 -23.91
CA ALA B 162 15.60 7.60 -24.57
C ALA B 162 16.31 6.66 -25.54
N ASN B 163 15.53 5.81 -26.19
CA ASN B 163 16.08 4.84 -27.13
C ASN B 163 17.05 5.49 -28.13
N PRO B 164 18.33 5.07 -28.08
CA PRO B 164 19.44 5.55 -28.94
C PRO B 164 19.27 5.27 -30.43
N PHE B 165 18.34 4.41 -30.80
CA PHE B 165 18.12 4.08 -32.21
C PHE B 165 16.81 4.63 -32.76
N ALA B 166 16.13 5.48 -31.99
CA ALA B 166 14.85 6.07 -32.39
C ALA B 166 14.82 6.56 -33.85
N VAL C 9 -16.37 10.18 17.74
CA VAL C 9 -15.37 9.55 16.86
C VAL C 9 -13.98 9.77 17.44
N ALA C 11 -9.48 8.81 17.50
CA ALA C 11 -8.33 8.48 16.67
C ALA C 11 -8.03 6.99 16.61
N VAL D 9 24.24 -0.50 9.81
CA VAL D 9 25.51 -0.84 9.16
C VAL D 9 26.23 -1.93 9.95
N ALA D 11 29.52 -5.15 10.18
CA ALA D 11 30.91 -5.39 9.80
C ALA D 11 31.03 -6.28 8.56
#